data_5RHL
#
_entry.id   5RHL
#
_cell.length_a   53.730
_cell.length_b   68.500
_cell.length_c   56.950
_cell.angle_alpha   90.000
_cell.angle_beta   92.440
_cell.angle_gamma   90.000
#
_symmetry.space_group_name_H-M   'P 1 21 1'
#
loop_
_entity.id
_entity.type
_entity.pdbx_description
1 polymer 'NS3 Helicase'
2 non-polymer 1,2-ETHANEDIOL
3 non-polymer 'PHOSPHATE ION'
4 non-polymer (4S)-2-METHYL-2,4-PENTANEDIOL
5 non-polymer 1-(2-ethoxyphenyl)piperazine
6 water water
#
_entity_poly.entity_id   1
_entity_poly.type   'polypeptide(L)'
_entity_poly.pdbx_seq_one_letter_code
;MLKKKQLTVLDLHPGAGKTRRVLPEIVREAIKKRLRTVILAPTRVVAAEMEEALRGLPVRYMTTAVNVTHSGTEIVDLMC
HATFTSRLLQPIRVPNYNLNIMDEAHFTDPSSIAARGYISTRVEMGEAAAIFMTATPPGTRDAFPDSNSPIMDTEVEVPE
RAWSSGFDWVTDHSGKTVWFVPSVRNGNEIAACLTKAGKRVIQLSRKTFETEFQKTKNQEWDFVITTDISEMGANFKADR
VIDSRRCLKPVILDGERVILAGPMPVTHASAAQRRGRIGRNPNKPGDEYMYGGGCAETDEGHAHWLEARMLLDNIYLQDG
LIASLYRPEADKVAAIEGEFKLRTEQRKTFVELMKRGDLPVWLAYQVASAGITYTDRRWCFDGTTNNTIMEDSVPAEVWT
KYGEKRVLKPRWMDARVCSDHAALKSFKEFAAGKR
;
_entity_poly.pdbx_strand_id   A
#
loop_
_chem_comp.id
_chem_comp.type
_chem_comp.name
_chem_comp.formula
EDO non-polymer 1,2-ETHANEDIOL 'C2 H6 O2'
H04 non-polymer 1-(2-ethoxyphenyl)piperazine 'C12 H18 N2 O'
MPD non-polymer (4S)-2-METHYL-2,4-PENTANEDIOL 'C6 H14 O2'
PO4 non-polymer 'PHOSPHATE ION' 'O4 P -3'
#
# COMPACT_ATOMS: atom_id res chain seq x y z
N MET A 1 11.78 23.94 7.44
CA MET A 1 11.01 22.95 6.61
C MET A 1 9.63 23.52 6.23
N LEU A 2 9.13 24.52 6.97
CA LEU A 2 7.69 24.90 6.99
C LEU A 2 7.41 26.02 5.96
N LYS A 3 8.46 26.51 5.26
CA LYS A 3 8.42 27.64 4.27
C LYS A 3 7.74 27.23 2.97
N LYS A 4 6.98 28.15 2.37
CA LYS A 4 6.25 27.87 1.10
C LYS A 4 7.28 27.47 0.03
N LYS A 5 6.91 26.56 -0.85
CA LYS A 5 7.74 26.04 -1.96
C LYS A 5 8.81 25.11 -1.39
N GLN A 6 8.72 24.69 -0.13
CA GLN A 6 9.73 23.72 0.37
C GLN A 6 9.11 22.32 0.38
N LEU A 7 9.72 21.37 -0.31
CA LEU A 7 9.51 19.92 -0.09
C LEU A 7 10.77 19.36 0.55
N THR A 8 10.67 18.88 1.79
CA THR A 8 11.78 18.26 2.55
C THR A 8 11.61 16.75 2.60
N VAL A 9 12.65 15.99 2.24
CA VAL A 9 12.65 14.52 2.38
C VAL A 9 13.38 14.26 3.67
N LEU A 10 12.62 13.90 4.67
CA LEU A 10 13.08 13.50 5.99
C LEU A 10 13.40 12.02 5.89
N ASP A 11 14.67 11.77 5.53
CA ASP A 11 15.21 10.46 5.10
C ASP A 11 16.16 9.93 6.19
N LEU A 12 15.91 10.26 7.45
CA LEU A 12 16.62 9.60 8.55
C LEU A 12 16.44 8.07 8.37
N HIS A 13 17.44 7.29 8.77
CA HIS A 13 17.37 5.82 8.64
C HIS A 13 16.15 5.24 9.36
N PRO A 14 15.73 4.00 9.03
CA PRO A 14 14.59 3.37 9.71
C PRO A 14 14.79 3.29 11.23
N GLY A 15 13.76 3.66 11.99
CA GLY A 15 13.77 3.67 13.47
C GLY A 15 14.50 4.87 14.06
N ALA A 16 14.94 5.83 13.26
CA ALA A 16 15.70 7.01 13.75
C ALA A 16 14.83 8.00 14.57
N GLY A 17 13.49 7.83 14.59
CA GLY A 17 12.55 8.63 15.42
C GLY A 17 11.79 9.69 14.62
N LYS A 18 11.74 9.56 13.30
CA LYS A 18 10.96 10.47 12.39
C LYS A 18 9.52 10.60 12.90
N THR A 19 8.86 9.50 13.23
CA THR A 19 7.44 9.54 13.65
C THR A 19 7.34 9.98 15.13
N ARG A 20 8.08 9.38 16.07
CA ARG A 20 7.80 9.57 17.51
C ARG A 20 8.49 10.82 18.06
N ARG A 21 9.60 11.28 17.47
CA ARG A 21 10.37 12.42 18.02
C ARG A 21 10.18 13.66 17.14
N VAL A 22 10.49 13.54 15.85
CA VAL A 22 10.54 14.69 14.89
C VAL A 22 9.11 15.19 14.64
N LEU A 23 8.17 14.31 14.33
CA LEU A 23 6.80 14.72 13.87
C LEU A 23 6.12 15.61 14.93
N PRO A 24 6.11 15.30 16.26
CA PRO A 24 5.44 16.17 17.22
C PRO A 24 6.08 17.57 17.28
N GLU A 25 7.39 17.66 17.12
CA GLU A 25 8.12 18.95 17.02
C GLU A 25 7.61 19.74 15.79
N ILE A 26 7.48 19.08 14.64
CA ILE A 26 6.97 19.74 13.42
C ILE A 26 5.56 20.23 13.72
N VAL A 27 4.71 19.40 14.30
CA VAL A 27 3.30 19.78 14.56
C VAL A 27 3.23 20.98 15.53
N ARG A 28 4.01 20.97 16.60
CA ARG A 28 4.02 22.11 17.55
C ARG A 28 4.36 23.39 16.81
N GLU A 29 5.40 23.33 15.98
CA GLU A 29 5.84 24.52 15.21
C GLU A 29 4.73 24.96 14.24
N ALA A 30 4.08 24.02 13.54
CA ALA A 30 3.00 24.30 12.55
C ALA A 30 1.86 25.04 13.25
N ILE A 31 1.47 24.58 14.44
CA ILE A 31 0.34 25.15 15.21
C ILE A 31 0.73 26.59 15.61
N LYS A 32 1.95 26.77 16.12
CA LYS A 32 2.46 28.11 16.52
C LYS A 32 2.37 29.06 15.33
N LYS A 33 2.70 28.56 14.13
CA LYS A 33 2.71 29.39 12.89
C LYS A 33 1.33 29.44 12.23
N ARG A 34 0.28 28.84 12.81
CA ARG A 34 -1.09 28.87 12.25
C ARG A 34 -1.04 28.37 10.81
N LEU A 35 -0.33 27.27 10.58
CA LEU A 35 -0.31 26.56 9.28
C LEU A 35 -1.35 25.45 9.34
N ARG A 36 -2.30 25.50 8.44
CA ARG A 36 -3.31 24.42 8.31
C ARG A 36 -2.51 23.23 7.77
N THR A 37 -2.52 22.17 8.56
CA THR A 37 -1.59 21.04 8.32
C THR A 37 -2.34 19.74 8.13
N VAL A 38 -1.84 18.89 7.24
CA VAL A 38 -2.36 17.51 7.08
C VAL A 38 -1.19 16.58 7.35
N ILE A 39 -1.52 15.50 8.04
CA ILE A 39 -0.58 14.39 8.37
C ILE A 39 -1.21 13.18 7.73
N LEU A 40 -0.45 12.47 6.90
CA LEU A 40 -0.97 11.33 6.14
C LEU A 40 -0.30 10.06 6.63
N ALA A 41 -1.08 9.17 7.24
CA ALA A 41 -0.66 7.84 7.73
C ALA A 41 -0.92 6.79 6.67
N PRO A 42 0.00 5.82 6.42
CA PRO A 42 -0.27 4.84 5.37
C PRO A 42 -1.42 3.87 5.69
N THR A 43 -1.64 3.62 6.98
CA THR A 43 -2.57 2.59 7.49
C THR A 43 -3.26 3.09 8.75
N ARG A 44 -4.40 2.48 9.06
N ARG A 44 -4.37 2.47 9.09
CA ARG A 44 -5.15 2.73 10.31
CA ARG A 44 -5.14 2.79 10.33
C ARG A 44 -4.24 2.39 11.50
C ARG A 44 -4.36 2.31 11.56
N VAL A 45 -3.47 1.31 11.39
CA VAL A 45 -2.53 0.92 12.46
C VAL A 45 -1.60 2.10 12.75
N VAL A 46 -0.97 2.70 11.74
CA VAL A 46 -0.06 3.85 11.96
C VAL A 46 -0.83 5.07 12.44
N ALA A 47 -2.06 5.31 11.96
CA ALA A 47 -2.88 6.43 12.44
C ALA A 47 -3.00 6.33 13.98
N ALA A 48 -3.29 5.14 14.50
CA ALA A 48 -3.46 4.95 15.95
C ALA A 48 -2.14 5.13 16.70
N GLU A 49 -1.01 4.67 16.17
CA GLU A 49 0.35 4.91 16.75
C GLU A 49 0.67 6.41 16.77
N MET A 50 0.27 7.14 15.73
CA MET A 50 0.54 8.59 15.68
C MET A 50 -0.22 9.31 16.78
N GLU A 51 -1.47 8.92 17.05
CA GLU A 51 -2.23 9.57 18.13
C GLU A 51 -1.40 9.49 19.43
N GLU A 52 -0.75 8.35 19.69
CA GLU A 52 0.08 8.17 20.91
C GLU A 52 1.28 9.14 20.86
N ALA A 53 1.93 9.27 19.72
CA ALA A 53 3.09 10.16 19.51
C ALA A 53 2.65 11.61 19.67
N LEU A 54 1.39 11.92 19.35
CA LEU A 54 0.90 13.33 19.29
C LEU A 54 -0.03 13.62 20.45
N ARG A 55 -0.09 12.78 21.47
CA ARG A 55 -1.14 12.95 22.52
C ARG A 55 -1.02 14.35 23.13
N GLY A 56 -2.16 15.00 23.39
CA GLY A 56 -2.19 16.36 23.97
C GLY A 56 -1.84 17.46 22.97
N LEU A 57 -1.63 17.12 21.69
CA LEU A 57 -1.60 18.12 20.61
C LEU A 57 -2.97 18.18 19.97
N PRO A 58 -3.42 19.37 19.58
CA PRO A 58 -4.73 19.55 18.99
C PRO A 58 -4.75 19.08 17.53
N VAL A 59 -5.13 17.83 17.32
CA VAL A 59 -5.15 17.18 15.98
C VAL A 59 -6.54 16.58 15.75
N ARG A 60 -7.11 16.75 14.56
CA ARG A 60 -8.41 16.15 14.19
C ARG A 60 -8.09 14.85 13.45
N TYR A 61 -8.48 13.75 14.07
CA TYR A 61 -8.22 12.37 13.56
C TYR A 61 -9.38 11.98 12.65
N MET A 62 -9.17 12.08 11.35
CA MET A 62 -10.21 11.90 10.33
C MET A 62 -10.24 10.42 9.99
N THR A 63 -10.46 9.60 11.01
CA THR A 63 -10.42 8.12 10.90
C THR A 63 -11.16 7.54 12.08
N THR A 64 -11.89 6.42 11.91
CA THR A 64 -12.53 5.71 13.04
C THR A 64 -11.47 4.90 13.80
N ALA A 65 -10.21 4.89 13.36
CA ALA A 65 -9.16 4.05 13.99
C ALA A 65 -8.69 4.61 15.33
N VAL A 66 -9.05 5.85 15.64
CA VAL A 66 -8.61 6.64 16.83
C VAL A 66 -9.88 7.00 17.61
N ASN A 67 -9.92 6.64 18.89
CA ASN A 67 -11.03 7.00 19.82
C ASN A 67 -10.65 8.30 20.53
N VAL A 68 -11.11 9.45 20.03
CA VAL A 68 -10.87 10.80 20.63
C VAL A 68 -12.09 11.71 20.44
N THR A 69 -12.25 12.66 21.36
CA THR A 69 -13.28 13.71 21.32
C THR A 69 -12.58 15.02 20.91
N HIS A 70 -12.80 15.47 19.68
CA HIS A 70 -12.16 16.69 19.11
C HIS A 70 -12.72 17.95 19.80
N SER A 71 -11.88 18.97 19.97
CA SER A 71 -12.25 20.31 20.50
C SER A 71 -13.18 21.01 19.49
N GLY A 72 -13.00 20.73 18.21
CA GLY A 72 -13.68 21.42 17.09
C GLY A 72 -12.82 22.52 16.48
N THR A 73 -11.68 22.85 17.10
CA THR A 73 -10.82 24.03 16.78
C THR A 73 -9.46 23.58 16.20
N GLU A 74 -9.29 22.30 15.84
CA GLU A 74 -7.98 21.79 15.40
C GLU A 74 -7.68 22.34 13.99
N ILE A 75 -6.44 22.81 13.78
CA ILE A 75 -5.93 23.22 12.44
C ILE A 75 -4.97 22.17 11.87
N VAL A 76 -4.77 21.07 12.58
CA VAL A 76 -4.03 19.89 12.10
C VAL A 76 -5.01 18.73 11.91
N ASP A 77 -5.02 18.16 10.71
CA ASP A 77 -5.83 16.99 10.36
C ASP A 77 -4.90 15.80 10.20
N LEU A 78 -5.36 14.62 10.58
CA LEU A 78 -4.64 13.38 10.28
C LEU A 78 -5.60 12.45 9.55
N MET A 79 -5.17 11.89 8.43
CA MET A 79 -6.00 10.89 7.77
C MET A 79 -5.06 9.93 7.06
N CYS A 80 -5.61 8.85 6.54
CA CYS A 80 -4.79 7.88 5.75
C CYS A 80 -4.46 8.44 4.38
N HIS A 81 -3.32 8.01 3.83
CA HIS A 81 -2.99 8.38 2.43
C HIS A 81 -4.20 8.17 1.51
N ALA A 82 -4.86 7.00 1.58
CA ALA A 82 -5.97 6.66 0.66
C ALA A 82 -7.13 7.61 0.87
N THR A 83 -7.38 7.98 2.11
CA THR A 83 -8.48 8.89 2.46
C THR A 83 -8.26 10.24 1.80
N PHE A 84 -7.03 10.70 1.80
CA PHE A 84 -6.71 12.03 1.21
C PHE A 84 -7.04 12.00 -0.28
N THR A 85 -6.51 11.01 -0.99
CA THR A 85 -6.74 10.94 -2.45
C THR A 85 -8.22 10.76 -2.70
N SER A 86 -8.89 9.91 -1.94
CA SER A 86 -10.33 9.64 -2.10
C SER A 86 -11.13 10.94 -2.01
N ARG A 87 -10.85 11.77 -1.02
CA ARG A 87 -11.58 13.03 -0.76
C ARG A 87 -11.25 14.03 -1.86
N LEU A 88 -10.02 14.05 -2.39
CA LEU A 88 -9.70 14.93 -3.54
C LEU A 88 -10.58 14.53 -4.73
N LEU A 89 -10.80 13.23 -4.94
CA LEU A 89 -11.53 12.74 -6.13
C LEU A 89 -13.02 13.05 -6.03
N GLN A 90 -13.54 13.03 -4.83
CA GLN A 90 -14.99 13.21 -4.57
C GLN A 90 -15.34 14.68 -4.55
N PRO A 91 -16.66 14.99 -4.70
CA PRO A 91 -17.20 16.34 -4.57
C PRO A 91 -17.27 16.69 -3.08
N ILE A 92 -16.10 16.80 -2.48
CA ILE A 92 -15.95 17.16 -1.04
C ILE A 92 -14.80 18.17 -0.94
N ARG A 93 -15.05 19.22 -0.16
CA ARG A 93 -14.13 20.31 0.18
C ARG A 93 -12.91 19.70 0.88
N VAL A 94 -11.75 19.83 0.23
CA VAL A 94 -10.47 19.46 0.89
C VAL A 94 -9.71 20.76 1.07
N PRO A 95 -9.30 21.11 2.30
CA PRO A 95 -8.56 22.36 2.52
C PRO A 95 -7.30 22.37 1.65
N ASN A 96 -6.88 23.55 1.19
CA ASN A 96 -5.56 23.72 0.56
C ASN A 96 -4.49 23.83 1.66
N TYR A 97 -4.11 22.68 2.26
CA TYR A 97 -3.21 22.62 3.44
C TYR A 97 -1.91 23.38 3.15
N ASN A 98 -1.53 24.24 4.09
CA ASN A 98 -0.25 24.99 4.00
C ASN A 98 0.92 24.05 4.15
N LEU A 99 0.77 23.02 5.00
CA LEU A 99 1.84 22.05 5.27
C LEU A 99 1.26 20.65 5.11
N ASN A 100 1.97 19.83 4.34
CA ASN A 100 1.52 18.49 3.92
C ASN A 100 2.60 17.52 4.39
N ILE A 101 2.26 16.71 5.38
CA ILE A 101 3.23 15.76 5.95
C ILE A 101 2.77 14.36 5.54
N MET A 102 3.62 13.63 4.84
CA MET A 102 3.30 12.22 4.49
C MET A 102 4.25 11.34 5.30
N ASP A 103 3.70 10.52 6.19
CA ASP A 103 4.52 9.50 6.89
C ASP A 103 4.56 8.25 6.01
N GLU A 104 5.64 7.48 6.14
CA GLU A 104 5.93 6.27 5.35
C GLU A 104 5.72 6.61 3.86
N ALA A 105 6.44 7.67 3.40
CA ALA A 105 6.16 8.32 2.12
C ALA A 105 6.70 7.50 0.95
N HIS A 106 7.25 6.32 1.19
CA HIS A 106 7.70 5.38 0.14
C HIS A 106 6.53 4.50 -0.33
N PHE A 107 5.38 4.53 0.33
CA PHE A 107 4.28 3.59 0.02
C PHE A 107 3.93 3.68 -1.46
N THR A 108 3.89 2.55 -2.16
CA THR A 108 3.69 2.56 -3.63
C THR A 108 2.27 2.14 -4.01
N ASP A 109 1.30 2.20 -3.10
CA ASP A 109 -0.09 2.00 -3.58
C ASP A 109 -0.48 3.20 -4.41
N PRO A 110 -1.37 3.01 -5.43
CA PRO A 110 -1.77 4.09 -6.34
C PRO A 110 -2.16 5.37 -5.63
N SER A 111 -2.95 5.25 -4.55
CA SER A 111 -3.47 6.45 -3.87
C SER A 111 -2.32 7.24 -3.22
N SER A 112 -1.26 6.56 -2.75
CA SER A 112 -0.10 7.21 -2.09
C SER A 112 0.73 7.90 -3.17
N ILE A 113 0.94 7.24 -4.31
CA ILE A 113 1.72 7.88 -5.42
C ILE A 113 0.95 9.13 -5.90
N ALA A 114 -0.37 9.00 -6.07
CA ALA A 114 -1.23 10.13 -6.49
C ALA A 114 -1.12 11.26 -5.47
N ALA A 115 -1.26 10.96 -4.19
CA ALA A 115 -1.11 11.99 -3.14
C ALA A 115 0.25 12.68 -3.27
N ARG A 116 1.35 11.92 -3.46
CA ARG A 116 2.66 12.62 -3.58
C ARG A 116 2.65 13.54 -4.79
N GLY A 117 1.97 13.15 -5.84
CA GLY A 117 1.96 13.91 -7.11
C GLY A 117 1.23 15.22 -6.90
N TYR A 118 0.06 15.13 -6.31
CA TYR A 118 -0.77 16.31 -5.95
C TYR A 118 0.01 17.23 -5.01
N ILE A 119 0.56 16.73 -3.92
CA ILE A 119 1.23 17.57 -2.91
C ILE A 119 2.47 18.22 -3.55
N SER A 120 3.29 17.44 -4.25
CA SER A 120 4.55 17.98 -4.82
C SER A 120 4.20 19.03 -5.89
N THR A 121 3.10 18.87 -6.61
CA THR A 121 2.65 19.89 -7.61
C THR A 121 2.22 21.17 -6.88
N ARG A 122 1.45 21.05 -5.82
CA ARG A 122 1.03 22.26 -5.05
C ARG A 122 2.27 22.96 -4.51
N VAL A 123 3.27 22.24 -4.03
CA VAL A 123 4.54 22.86 -3.56
C VAL A 123 5.20 23.55 -4.75
N GLU A 124 5.33 22.90 -5.88
CA GLU A 124 6.03 23.51 -7.04
C GLU A 124 5.27 24.77 -7.50
N MET A 125 3.96 24.84 -7.38
CA MET A 125 3.17 26.03 -7.76
C MET A 125 3.42 27.17 -6.78
N GLY A 126 3.95 26.88 -5.59
CA GLY A 126 4.44 27.90 -4.66
C GLY A 126 3.47 28.13 -3.53
N GLU A 127 2.48 27.24 -3.41
CA GLU A 127 1.22 27.34 -2.64
C GLU A 127 1.42 26.78 -1.23
N ALA A 128 2.36 25.88 -1.06
CA ALA A 128 2.39 24.93 0.07
C ALA A 128 3.81 24.47 0.36
N ALA A 129 3.98 23.88 1.52
CA ALA A 129 5.18 23.13 1.95
C ALA A 129 4.77 21.67 2.10
N ALA A 130 5.75 20.81 2.00
CA ALA A 130 5.53 19.37 2.24
C ALA A 130 6.75 18.75 2.94
N ILE A 131 6.48 17.74 3.73
CA ILE A 131 7.54 16.90 4.34
C ILE A 131 7.18 15.46 4.01
N PHE A 132 8.07 14.77 3.31
CA PHE A 132 7.96 13.31 3.03
C PHE A 132 8.89 12.61 4.01
N MET A 133 8.29 11.84 4.90
CA MET A 133 9.04 11.06 5.90
C MET A 133 9.23 9.63 5.42
N THR A 134 10.48 9.25 5.10
CA THR A 134 10.83 7.85 4.80
C THR A 134 12.35 7.71 4.78
N ALA A 135 12.83 6.56 5.27
CA ALA A 135 14.24 6.15 5.12
C ALA A 135 14.56 5.90 3.64
N THR A 136 13.56 5.59 2.82
CA THR A 136 13.84 5.05 1.47
C THR A 136 13.11 5.90 0.44
N PRO A 137 13.61 7.10 0.11
CA PRO A 137 13.00 7.87 -0.95
C PRO A 137 12.98 7.17 -2.30
N PRO A 138 12.15 7.60 -3.29
CA PRO A 138 12.08 6.94 -4.59
C PRO A 138 13.43 6.87 -5.30
N GLY A 139 13.78 5.73 -5.87
CA GLY A 139 15.06 5.58 -6.59
C GLY A 139 16.25 5.40 -5.67
N THR A 140 16.07 5.30 -4.35
CA THR A 140 17.19 4.87 -3.48
C THR A 140 17.77 3.57 -4.05
N ARG A 141 19.08 3.45 -3.99
CA ARG A 141 19.81 2.26 -4.48
C ARG A 141 20.46 1.54 -3.30
N ASP A 142 20.09 1.88 -2.06
CA ASP A 142 20.74 1.32 -0.85
C ASP A 142 19.77 0.36 -0.14
N ALA A 143 20.02 -0.92 -0.24
CA ALA A 143 19.16 -1.94 0.42
C ALA A 143 19.57 -2.12 1.88
N PHE A 144 20.67 -1.57 2.30
CA PHE A 144 21.30 -1.85 3.61
C PHE A 144 21.61 -0.55 4.31
N PRO A 145 20.60 0.29 4.57
CA PRO A 145 20.83 1.54 5.28
C PRO A 145 21.26 1.34 6.74
N ASP A 146 21.69 2.42 7.37
CA ASP A 146 22.03 2.39 8.81
C ASP A 146 20.80 2.00 9.63
N SER A 147 21.05 1.50 10.83
CA SER A 147 20.05 1.02 11.81
C SER A 147 20.45 1.47 13.22
N ASN A 148 19.50 1.38 14.13
CA ASN A 148 19.67 1.68 15.58
C ASN A 148 20.70 0.73 16.17
N SER A 149 20.70 -0.54 15.77
CA SER A 149 21.73 -1.52 16.20
C SER A 149 22.20 -2.35 15.02
N PRO A 150 23.44 -2.85 15.09
CA PRO A 150 24.01 -3.65 14.01
C PRO A 150 23.11 -4.83 13.64
N ILE A 151 22.98 -5.03 12.33
CA ILE A 151 22.27 -6.19 11.74
C ILE A 151 23.28 -7.17 11.14
N MET A 152 23.00 -8.46 11.27
CA MET A 152 23.75 -9.53 10.58
C MET A 152 23.00 -9.79 9.29
N ASP A 153 23.63 -9.42 8.18
CA ASP A 153 23.05 -9.59 6.82
C ASP A 153 23.62 -10.89 6.23
N THR A 154 22.77 -11.83 5.81
CA THR A 154 23.24 -13.06 5.15
C THR A 154 22.42 -13.31 3.89
N GLU A 155 23.08 -13.50 2.76
CA GLU A 155 22.41 -13.94 1.53
C GLU A 155 22.26 -15.45 1.62
N VAL A 156 21.05 -15.97 1.55
CA VAL A 156 20.79 -17.43 1.69
C VAL A 156 19.56 -17.80 0.87
N GLU A 157 19.46 -19.07 0.40
CA GLU A 157 18.28 -19.55 -0.31
C GLU A 157 17.16 -19.63 0.71
N VAL A 158 16.08 -18.95 0.39
CA VAL A 158 14.87 -18.90 1.24
C VAL A 158 13.79 -19.73 0.58
N PRO A 159 13.12 -20.67 1.30
CA PRO A 159 12.06 -21.41 0.67
C PRO A 159 10.89 -20.50 0.29
N GLU A 160 10.26 -20.82 -0.85
CA GLU A 160 9.02 -20.18 -1.35
C GLU A 160 7.92 -21.22 -1.49
N ARG A 161 8.19 -22.43 -1.06
CA ARG A 161 7.22 -23.54 -1.05
C ARG A 161 7.42 -24.32 0.23
N ALA A 162 6.49 -25.20 0.55
CA ALA A 162 6.63 -26.15 1.67
C ALA A 162 7.92 -26.91 1.47
N TRP A 163 8.65 -27.14 2.55
CA TRP A 163 9.91 -27.92 2.50
C TRP A 163 9.88 -29.03 3.56
N SER A 164 10.63 -30.10 3.30
CA SER A 164 10.83 -31.26 4.19
C SER A 164 12.25 -31.30 4.75
N SER A 165 13.21 -30.72 4.06
CA SER A 165 14.63 -30.77 4.44
C SER A 165 15.38 -29.62 3.77
N GLY A 166 16.57 -29.34 4.24
CA GLY A 166 17.50 -28.45 3.55
C GLY A 166 17.41 -27.00 4.03
N PHE A 167 16.51 -26.70 4.98
CA PHE A 167 16.35 -25.33 5.52
C PHE A 167 16.27 -25.36 7.05
N ASP A 168 17.10 -26.17 7.70
CA ASP A 168 16.97 -26.34 9.16
C ASP A 168 17.10 -24.97 9.86
N TRP A 169 17.91 -24.06 9.33
CA TRP A 169 18.18 -22.72 9.96
C TRP A 169 16.87 -21.97 10.16
N VAL A 170 15.89 -22.24 9.31
CA VAL A 170 14.58 -21.52 9.42
C VAL A 170 13.93 -21.88 10.76
N THR A 171 13.78 -23.17 11.04
CA THR A 171 13.00 -23.68 12.19
C THR A 171 13.87 -23.84 13.42
N ASP A 172 15.19 -23.84 13.29
CA ASP A 172 16.08 -24.03 14.47
C ASP A 172 16.09 -22.78 15.35
N HIS A 173 15.69 -21.65 14.84
CA HIS A 173 15.67 -20.35 15.53
C HIS A 173 14.65 -20.31 16.67
N SER A 174 15.02 -19.72 17.81
CA SER A 174 14.15 -19.74 19.01
C SER A 174 13.52 -18.36 19.23
N GLY A 175 13.84 -17.38 18.39
CA GLY A 175 13.28 -16.02 18.53
C GLY A 175 12.02 -15.84 17.71
N LYS A 176 11.81 -14.61 17.28
CA LYS A 176 10.62 -14.21 16.53
C LYS A 176 11.09 -13.70 15.17
N THR A 177 10.42 -14.22 14.16
CA THR A 177 10.79 -13.95 12.74
C THR A 177 9.63 -13.27 12.00
N VAL A 178 9.99 -12.22 11.29
CA VAL A 178 9.10 -11.63 10.27
C VAL A 178 9.57 -12.08 8.88
N TRP A 179 8.68 -12.74 8.15
CA TRP A 179 9.01 -13.36 6.86
C TRP A 179 8.21 -12.71 5.76
N PHE A 180 8.87 -12.01 4.87
CA PHE A 180 8.21 -11.34 3.74
C PHE A 180 8.11 -12.28 2.54
N VAL A 181 6.88 -12.48 2.10
CA VAL A 181 6.51 -13.35 0.96
C VAL A 181 5.95 -12.49 -0.17
N PRO A 182 5.98 -12.99 -1.42
CA PRO A 182 5.47 -12.20 -2.54
C PRO A 182 3.96 -12.15 -2.72
N SER A 183 3.22 -13.03 -2.06
CA SER A 183 1.76 -13.08 -2.28
C SER A 183 1.11 -13.79 -1.10
N VAL A 184 -0.16 -13.51 -0.90
CA VAL A 184 -0.98 -14.20 0.11
C VAL A 184 -0.90 -15.71 -0.10
N ARG A 185 -1.06 -16.19 -1.32
CA ARG A 185 -1.11 -17.65 -1.59
C ARG A 185 0.24 -18.26 -1.22
N ASN A 186 1.34 -17.59 -1.54
N ASN A 186 1.32 -17.57 -1.55
CA ASN A 186 2.69 -18.12 -1.17
CA ASN A 186 2.68 -18.00 -1.18
C ASN A 186 2.83 -18.14 0.36
C ASN A 186 2.78 -18.13 0.32
N GLY A 187 2.36 -17.08 1.04
CA GLY A 187 2.43 -17.06 2.51
C GLY A 187 1.61 -18.18 3.12
N ASN A 188 0.50 -18.54 2.50
CA ASN A 188 -0.42 -19.58 3.03
C ASN A 188 0.36 -20.90 3.04
N GLU A 189 1.08 -21.17 1.98
CA GLU A 189 1.76 -22.45 1.83
C GLU A 189 2.91 -22.50 2.85
N ILE A 190 3.66 -21.41 3.01
CA ILE A 190 4.79 -21.38 3.97
C ILE A 190 4.24 -21.45 5.39
N ALA A 191 3.19 -20.68 5.68
CA ALA A 191 2.52 -20.70 7.00
C ALA A 191 2.11 -22.12 7.37
N ALA A 192 1.51 -22.86 6.43
CA ALA A 192 0.98 -24.23 6.67
C ALA A 192 2.18 -25.12 7.04
N CYS A 193 3.30 -24.96 6.34
CA CYS A 193 4.49 -25.77 6.55
C CYS A 193 5.02 -25.50 7.95
N LEU A 194 5.14 -24.22 8.33
CA LEU A 194 5.64 -23.83 9.66
C LEU A 194 4.72 -24.35 10.76
N THR A 195 3.40 -24.22 10.58
CA THR A 195 2.39 -24.68 11.56
C THR A 195 2.56 -26.17 11.75
N LYS A 196 2.79 -26.89 10.65
CA LYS A 196 2.92 -28.37 10.69
C LYS A 196 4.18 -28.70 11.50
N ALA A 197 5.20 -27.83 11.51
CA ALA A 197 6.47 -28.02 12.24
C ALA A 197 6.36 -27.48 13.67
N GLY A 198 5.16 -27.10 14.10
CA GLY A 198 4.89 -26.73 15.50
C GLY A 198 5.09 -25.27 15.79
N LYS A 199 5.18 -24.44 14.76
CA LYS A 199 5.36 -22.99 14.96
C LYS A 199 4.01 -22.30 14.99
N ARG A 200 3.94 -21.23 15.76
CA ARG A 200 2.79 -20.30 15.82
C ARG A 200 3.00 -19.20 14.79
N VAL A 201 2.10 -19.15 13.83
CA VAL A 201 2.23 -18.25 12.67
C VAL A 201 1.04 -17.31 12.59
N ILE A 202 1.31 -16.04 12.37
CA ILE A 202 0.31 -15.00 12.05
C ILE A 202 0.56 -14.57 10.61
N GLN A 203 -0.49 -14.50 9.81
CA GLN A 203 -0.42 -14.04 8.39
C GLN A 203 -0.99 -12.63 8.28
N LEU A 204 -0.25 -11.74 7.60
CA LEU A 204 -0.68 -10.35 7.31
C LEU A 204 -0.74 -10.12 5.82
N SER A 205 -1.76 -9.37 5.39
CA SER A 205 -1.91 -8.87 4.00
C SER A 205 -2.76 -7.61 4.11
N ARG A 206 -2.93 -6.88 3.01
CA ARG A 206 -3.59 -5.56 3.07
C ARG A 206 -4.98 -5.62 3.66
N LYS A 207 -5.79 -6.60 3.24
CA LYS A 207 -7.22 -6.71 3.62
C LYS A 207 -7.35 -7.09 5.10
N THR A 208 -6.44 -7.89 5.60
CA THR A 208 -6.51 -8.47 6.96
C THR A 208 -5.67 -7.63 7.93
N PHE A 209 -4.89 -6.64 7.46
CA PHE A 209 -3.78 -6.08 8.26
C PHE A 209 -4.29 -5.58 9.64
N GLU A 210 -5.31 -4.74 9.75
CA GLU A 210 -5.61 -4.17 11.12
C GLU A 210 -5.99 -5.27 12.13
N THR A 211 -6.90 -6.18 11.75
CA THR A 211 -7.36 -7.27 12.63
C THR A 211 -6.18 -8.16 12.99
N GLU A 212 -5.42 -8.60 11.98
CA GLU A 212 -4.41 -9.63 12.25
C GLU A 212 -3.22 -8.99 12.95
N PHE A 213 -2.87 -7.72 12.64
CA PHE A 213 -1.67 -7.09 13.27
C PHE A 213 -1.86 -7.08 14.80
N GLN A 214 -3.09 -6.89 15.27
CA GLN A 214 -3.33 -6.89 16.75
C GLN A 214 -2.89 -8.23 17.33
N LYS A 215 -2.99 -9.33 16.57
CA LYS A 215 -2.57 -10.65 17.10
C LYS A 215 -1.08 -10.62 17.44
N THR A 216 -0.27 -9.80 16.77
CA THR A 216 1.16 -9.72 17.11
C THR A 216 1.39 -9.16 18.51
N LYS A 217 0.43 -8.41 19.07
CA LYS A 217 0.51 -7.89 20.45
C LYS A 217 -0.17 -8.87 21.42
N ASN A 218 -1.25 -9.52 21.00
CA ASN A 218 -2.19 -10.20 21.94
C ASN A 218 -1.79 -11.68 22.10
N GLN A 219 -1.04 -12.26 21.17
CA GLN A 219 -0.74 -13.69 21.27
C GLN A 219 0.75 -13.91 21.10
N GLU A 220 1.24 -15.02 21.66
CA GLU A 220 2.66 -15.41 21.45
C GLU A 220 2.73 -15.95 20.01
N TRP A 221 3.82 -15.64 19.32
CA TRP A 221 3.99 -16.08 17.92
C TRP A 221 5.47 -16.34 17.71
N ASP A 222 5.74 -17.18 16.73
CA ASP A 222 7.10 -17.55 16.31
C ASP A 222 7.40 -16.85 14.99
N PHE A 223 6.42 -16.81 14.08
CA PHE A 223 6.57 -16.22 12.73
C PHE A 223 5.37 -15.32 12.41
N VAL A 224 5.72 -14.18 11.82
CA VAL A 224 4.75 -13.37 11.06
C VAL A 224 5.06 -13.61 9.57
N ILE A 225 4.09 -14.09 8.84
CA ILE A 225 4.18 -14.25 7.36
C ILE A 225 3.42 -13.08 6.76
N THR A 226 4.11 -12.22 6.04
CA THR A 226 3.52 -10.96 5.57
C THR A 226 3.87 -10.70 4.12
N THR A 227 2.94 -10.06 3.44
CA THR A 227 3.24 -9.44 2.14
C THR A 227 3.94 -8.10 2.38
N ASP A 228 4.26 -7.44 1.31
CA ASP A 228 4.93 -6.12 1.35
C ASP A 228 4.16 -5.07 2.13
N ILE A 229 2.89 -5.29 2.53
CA ILE A 229 2.20 -4.24 3.35
C ILE A 229 2.99 -3.92 4.63
N SER A 230 3.80 -4.86 5.15
CA SER A 230 4.52 -4.60 6.42
C SER A 230 5.75 -3.71 6.20
N GLU A 231 6.00 -3.29 4.96
CA GLU A 231 7.00 -2.26 4.67
C GLU A 231 6.57 -0.88 5.15
N MET A 232 5.32 -0.68 5.57
CA MET A 232 4.79 0.68 5.81
C MET A 232 4.61 0.95 7.30
N GLY A 233 5.70 0.88 8.07
CA GLY A 233 5.70 1.34 9.47
C GLY A 233 5.16 0.32 10.46
N ALA A 234 4.99 -0.94 10.03
CA ALA A 234 4.57 -2.08 10.89
C ALA A 234 5.68 -2.36 11.88
N ASN A 235 5.48 -2.23 13.20
CA ASN A 235 6.59 -2.62 14.11
C ASN A 235 6.26 -3.89 14.90
N PHE A 236 7.30 -4.69 14.99
CA PHE A 236 7.31 -6.04 15.56
C PHE A 236 8.41 -6.11 16.62
N LYS A 237 8.20 -6.91 17.65
CA LYS A 237 9.28 -7.22 18.61
C LYS A 237 9.92 -8.47 18.05
N ALA A 238 10.77 -8.31 17.04
CA ALA A 238 11.35 -9.46 16.32
C ALA A 238 12.87 -9.40 16.42
N ASP A 239 13.53 -10.53 16.24
CA ASP A 239 15.01 -10.49 16.13
C ASP A 239 15.48 -11.05 14.78
N ARG A 240 14.58 -11.43 13.88
CA ARG A 240 15.01 -11.91 12.56
C ARG A 240 14.01 -11.49 11.51
N VAL A 241 14.52 -11.07 10.37
CA VAL A 241 13.67 -10.98 9.16
C VAL A 241 14.18 -12.00 8.17
N ILE A 242 13.27 -12.78 7.59
CA ILE A 242 13.55 -13.66 6.42
C ILE A 242 12.89 -12.95 5.25
N ASP A 243 13.67 -12.64 4.24
CA ASP A 243 13.12 -11.87 3.11
C ASP A 243 13.33 -12.66 1.84
N SER A 244 12.24 -13.17 1.26
CA SER A 244 12.24 -13.77 -0.10
C SER A 244 12.92 -12.85 -1.11
N ARG A 245 12.86 -11.52 -0.86
CA ARG A 245 13.28 -10.46 -1.79
C ARG A 245 12.44 -10.52 -3.06
N ARG A 246 11.21 -11.03 -2.96
CA ARG A 246 10.30 -11.19 -4.11
C ARG A 246 8.97 -10.48 -3.84
N CYS A 247 8.36 -10.08 -4.95
CA CYS A 247 7.05 -9.39 -5.00
C CYS A 247 6.36 -9.74 -6.32
N LEU A 248 5.08 -9.46 -6.39
CA LEU A 248 4.29 -9.54 -7.63
C LEU A 248 4.23 -8.12 -8.19
N LYS A 249 4.33 -8.06 -9.51
CA LYS A 249 4.22 -6.77 -10.23
C LYS A 249 2.98 -6.84 -11.10
N PRO A 250 1.97 -5.99 -10.82
CA PRO A 250 0.85 -5.85 -11.73
C PRO A 250 1.38 -5.15 -12.99
N VAL A 251 1.05 -5.74 -14.11
CA VAL A 251 1.49 -5.30 -15.45
C VAL A 251 0.28 -5.22 -16.38
N ILE A 252 0.12 -4.07 -17.02
CA ILE A 252 -0.88 -3.91 -18.09
C ILE A 252 -0.33 -4.47 -19.39
N LEU A 253 -0.93 -5.54 -19.91
CA LEU A 253 -0.55 -6.11 -21.25
C LEU A 253 -1.43 -5.52 -22.35
N ASP A 254 -0.82 -4.91 -23.37
CA ASP A 254 -1.50 -4.45 -24.61
C ASP A 254 -2.64 -3.49 -24.32
N GLY A 255 -2.57 -2.69 -23.26
CA GLY A 255 -3.68 -1.81 -22.84
C GLY A 255 -4.98 -2.58 -22.57
N GLU A 256 -4.93 -3.92 -22.45
CA GLU A 256 -6.13 -4.80 -22.56
C GLU A 256 -6.47 -5.51 -21.25
N ARG A 257 -5.46 -5.90 -20.47
CA ARG A 257 -5.62 -6.82 -19.31
C ARG A 257 -4.52 -6.52 -18.30
N VAL A 258 -4.74 -6.88 -17.05
CA VAL A 258 -3.68 -6.78 -16.00
C VAL A 258 -3.34 -8.18 -15.53
N ILE A 259 -2.06 -8.50 -15.60
CA ILE A 259 -1.50 -9.75 -15.02
C ILE A 259 -0.67 -9.42 -13.77
N LEU A 260 -0.48 -10.41 -12.92
CA LEU A 260 0.40 -10.31 -11.75
C LEU A 260 1.67 -11.07 -12.10
N ALA A 261 2.63 -10.34 -12.62
CA ALA A 261 3.87 -10.88 -13.14
C ALA A 261 4.78 -11.24 -11.98
N GLY A 262 5.63 -12.24 -12.23
CA GLY A 262 6.66 -12.66 -11.26
C GLY A 262 6.26 -13.94 -10.57
N PRO A 263 6.64 -14.14 -9.30
CA PRO A 263 7.37 -13.19 -8.50
C PRO A 263 8.70 -12.76 -9.10
N MET A 264 9.10 -11.58 -8.74
CA MET A 264 10.35 -11.00 -9.24
C MET A 264 10.97 -10.16 -8.13
N PRO A 265 12.19 -9.66 -8.34
CA PRO A 265 12.90 -8.94 -7.30
C PRO A 265 12.18 -7.69 -6.82
N VAL A 266 12.32 -7.46 -5.53
CA VAL A 266 11.88 -6.17 -4.95
C VAL A 266 12.81 -5.03 -5.33
N THR A 267 12.30 -3.83 -5.17
CA THR A 267 13.19 -2.65 -5.23
C THR A 267 14.16 -2.58 -4.05
N HIS A 268 15.19 -1.77 -4.19
CA HIS A 268 16.09 -1.47 -3.06
C HIS A 268 15.28 -0.89 -1.89
N ALA A 269 14.37 0.03 -2.18
CA ALA A 269 13.57 0.67 -1.13
C ALA A 269 12.80 -0.38 -0.36
N SER A 270 12.17 -1.32 -1.08
CA SER A 270 11.37 -2.38 -0.45
C SER A 270 12.30 -3.23 0.40
N ALA A 271 13.43 -3.65 -0.13
CA ALA A 271 14.34 -4.53 0.62
C ALA A 271 14.77 -3.80 1.88
N ALA A 272 15.09 -2.50 1.79
CA ALA A 272 15.61 -1.76 2.97
C ALA A 272 14.50 -1.67 4.03
N GLN A 273 13.25 -1.52 3.61
CA GLN A 273 12.11 -1.39 4.55
C GLN A 273 11.81 -2.74 5.21
N ARG A 274 11.98 -3.81 4.48
CA ARG A 274 11.77 -5.18 5.01
C ARG A 274 12.89 -5.44 6.04
N ARG A 275 14.13 -5.27 5.64
CA ARG A 275 15.24 -5.38 6.61
C ARG A 275 14.99 -4.48 7.82
N GLY A 276 14.46 -3.28 7.59
CA GLY A 276 14.29 -2.20 8.57
C GLY A 276 13.32 -2.59 9.64
N ARG A 277 12.64 -3.75 9.53
CA ARG A 277 11.76 -4.21 10.62
C ARG A 277 12.62 -4.58 11.84
N ILE A 278 13.90 -4.91 11.63
CA ILE A 278 14.75 -5.34 12.79
C ILE A 278 15.98 -4.43 12.86
N GLY A 279 16.87 -4.61 13.82
CA GLY A 279 17.96 -3.65 14.02
C GLY A 279 17.42 -2.37 14.68
N ARG A 280 16.25 -2.43 15.29
CA ARG A 280 15.59 -1.17 15.73
C ARG A 280 15.89 -0.84 17.19
N ASN A 281 16.44 -1.78 17.94
CA ASN A 281 16.64 -1.62 19.41
C ASN A 281 18.14 -1.53 19.68
N PRO A 282 18.70 -0.38 20.11
CA PRO A 282 20.16 -0.28 20.30
C PRO A 282 20.70 -1.25 21.37
N ASN A 283 19.83 -1.72 22.25
CA ASN A 283 20.17 -2.73 23.29
C ASN A 283 20.04 -4.18 22.79
N LYS A 284 19.69 -4.39 21.54
CA LYS A 284 19.61 -5.75 20.96
C LYS A 284 20.38 -5.77 19.66
N PRO A 285 21.73 -5.71 19.68
CA PRO A 285 22.52 -5.89 18.47
C PRO A 285 22.42 -7.33 17.97
N GLY A 286 22.63 -7.50 16.67
CA GLY A 286 22.75 -8.83 16.05
C GLY A 286 21.40 -9.43 15.73
N ASP A 287 20.38 -8.59 15.56
CA ASP A 287 19.19 -9.04 14.80
C ASP A 287 19.68 -9.52 13.43
N GLU A 288 18.98 -10.47 12.85
CA GLU A 288 19.44 -11.15 11.62
C GLU A 288 18.53 -10.76 10.47
N TYR A 289 19.14 -10.61 9.29
CA TYR A 289 18.43 -10.37 8.03
C TYR A 289 18.92 -11.40 7.03
N MET A 290 18.05 -12.35 6.73
CA MET A 290 18.35 -13.42 5.74
C MET A 290 17.60 -13.10 4.47
N TYR A 291 18.33 -12.97 3.36
CA TYR A 291 17.69 -12.49 2.12
C TYR A 291 17.97 -13.45 0.97
N GLY A 292 16.95 -13.74 0.16
CA GLY A 292 16.97 -14.87 -0.79
C GLY A 292 17.04 -14.43 -2.24
N GLY A 293 17.52 -13.22 -2.51
CA GLY A 293 17.54 -12.72 -3.92
C GLY A 293 18.07 -11.31 -3.98
N GLY A 294 18.35 -10.82 -5.18
CA GLY A 294 18.82 -9.45 -5.36
C GLY A 294 17.65 -8.48 -5.53
N CYS A 295 17.98 -7.21 -5.66
CA CYS A 295 16.98 -6.15 -5.92
C CYS A 295 17.06 -5.82 -7.40
N ALA A 296 16.00 -5.21 -7.91
CA ALA A 296 15.94 -4.66 -9.28
C ALA A 296 14.92 -3.53 -9.27
N GLU A 297 14.86 -2.67 -10.29
N GLU A 297 14.85 -2.81 -10.40
CA GLU A 297 13.86 -1.58 -10.23
CA GLU A 297 13.94 -1.65 -10.64
C GLU A 297 12.62 -2.08 -10.99
C GLU A 297 12.59 -2.21 -11.14
N THR A 298 11.90 -2.96 -10.29
CA THR A 298 10.61 -3.60 -10.70
C THR A 298 9.42 -2.63 -10.63
N ASP A 299 9.62 -1.38 -10.19
CA ASP A 299 8.57 -0.36 -10.19
C ASP A 299 8.44 0.19 -11.61
N GLU A 300 9.43 -0.03 -12.47
CA GLU A 300 9.39 0.56 -13.82
C GLU A 300 8.32 -0.20 -14.60
N GLY A 301 7.29 0.48 -15.08
CA GLY A 301 6.19 -0.17 -15.80
C GLY A 301 5.24 -0.92 -14.89
N HIS A 302 5.37 -0.74 -13.57
CA HIS A 302 4.43 -1.33 -12.59
C HIS A 302 3.10 -0.60 -12.74
N ALA A 303 2.00 -1.32 -12.78
CA ALA A 303 0.66 -0.70 -13.01
C ALA A 303 0.33 0.34 -11.95
N HIS A 304 0.86 0.28 -10.72
CA HIS A 304 0.47 1.28 -9.70
C HIS A 304 0.76 2.72 -10.16
N TRP A 305 1.81 2.94 -10.97
CA TRP A 305 2.16 4.34 -11.34
C TRP A 305 1.24 4.78 -12.51
N LEU A 306 0.80 3.87 -13.36
CA LEU A 306 -0.23 4.15 -14.37
C LEU A 306 -1.54 4.43 -13.64
N GLU A 307 -1.90 3.59 -12.68
CA GLU A 307 -3.13 3.82 -11.89
C GLU A 307 -3.05 5.19 -11.18
N ALA A 308 -1.89 5.57 -10.64
CA ALA A 308 -1.72 6.91 -10.02
C ALA A 308 -2.02 8.01 -11.02
N ARG A 309 -1.60 7.86 -12.28
CA ARG A 309 -1.99 8.84 -13.33
C ARG A 309 -3.50 8.84 -13.57
N MET A 310 -4.19 7.70 -13.52
CA MET A 310 -5.65 7.65 -13.69
C MET A 310 -6.29 8.46 -12.55
N LEU A 311 -5.73 8.41 -11.34
CA LEU A 311 -6.33 9.12 -10.19
C LEU A 311 -6.05 10.61 -10.38
N LEU A 312 -4.80 10.97 -10.71
CA LEU A 312 -4.41 12.40 -10.77
C LEU A 312 -5.11 13.10 -11.94
N ASP A 313 -5.33 12.43 -13.05
CA ASP A 313 -6.05 13.01 -14.22
C ASP A 313 -7.47 13.39 -13.80
N ASN A 314 -7.99 12.81 -12.71
CA ASN A 314 -9.38 13.03 -12.26
C ASN A 314 -9.44 13.84 -10.96
N ILE A 315 -8.39 14.56 -10.62
CA ILE A 315 -8.36 15.43 -9.42
C ILE A 315 -8.24 16.87 -9.91
N TYR A 316 -9.16 17.70 -9.44
CA TYR A 316 -9.09 19.14 -9.75
C TYR A 316 -7.89 19.76 -9.07
N LEU A 317 -7.16 20.57 -9.80
CA LEU A 317 -6.00 21.29 -9.28
C LEU A 317 -6.25 22.81 -9.42
N GLN A 318 -6.41 23.23 -10.67
CA GLN A 318 -6.63 24.66 -11.02
C GLN A 318 -7.03 24.70 -12.49
N ASP A 319 -8.24 25.14 -12.79
CA ASP A 319 -8.81 25.12 -14.17
C ASP A 319 -8.59 23.74 -14.78
N GLY A 320 -7.91 23.63 -15.91
CA GLY A 320 -7.68 22.34 -16.59
C GLY A 320 -6.30 21.76 -16.31
N LEU A 321 -5.52 22.33 -15.37
CA LEU A 321 -4.17 21.83 -15.06
C LEU A 321 -4.32 20.46 -14.40
N ILE A 322 -3.30 19.65 -14.56
CA ILE A 322 -3.30 18.29 -13.95
C ILE A 322 -1.99 18.11 -13.18
N ALA A 323 -2.07 17.62 -11.95
CA ALA A 323 -0.85 17.39 -11.13
C ALA A 323 0.02 16.35 -11.83
N SER A 324 1.33 16.58 -11.75
CA SER A 324 2.40 15.68 -12.22
C SER A 324 2.74 14.71 -11.10
N LEU A 325 3.17 13.50 -11.46
CA LEU A 325 3.80 12.63 -10.43
C LEU A 325 5.01 13.34 -9.83
N TYR A 326 5.29 13.04 -8.58
CA TYR A 326 6.48 13.47 -7.84
C TYR A 326 7.71 13.12 -8.70
N ARG A 327 8.55 14.10 -9.02
CA ARG A 327 9.60 13.96 -10.05
C ARG A 327 10.39 12.66 -9.89
N PRO A 328 10.92 12.29 -8.71
CA PRO A 328 11.75 11.09 -8.63
C PRO A 328 11.08 9.78 -9.05
N GLU A 329 9.75 9.74 -9.09
CA GLU A 329 9.08 8.48 -9.52
C GLU A 329 8.28 8.67 -10.83
N ALA A 330 8.44 9.79 -11.54
CA ALA A 330 7.61 10.11 -12.71
C ALA A 330 7.98 9.27 -13.90
N ASP A 331 9.20 8.72 -13.97
CA ASP A 331 9.63 7.96 -15.16
C ASP A 331 9.17 6.51 -15.04
N LYS A 332 8.52 6.13 -13.94
CA LYS A 332 8.08 4.72 -13.74
C LYS A 332 6.86 4.42 -14.61
N VAL A 333 6.26 5.42 -15.25
CA VAL A 333 5.05 5.21 -16.12
C VAL A 333 5.26 5.97 -17.42
N ALA A 334 4.74 5.43 -18.51
CA ALA A 334 4.64 6.11 -19.82
C ALA A 334 3.16 6.35 -20.06
N ALA A 335 2.74 7.55 -19.74
CA ALA A 335 1.32 7.93 -19.85
C ALA A 335 1.31 9.30 -20.49
N ILE A 336 0.26 9.58 -21.21
CA ILE A 336 0.03 10.96 -21.71
C ILE A 336 -0.72 11.70 -20.59
N GLU A 337 -0.16 12.75 -20.01
CA GLU A 337 -0.87 13.48 -18.93
C GLU A 337 -2.24 13.91 -19.46
N GLY A 338 -3.29 13.70 -18.66
CA GLY A 338 -4.67 14.02 -19.06
C GLY A 338 -5.37 12.89 -19.84
N GLU A 339 -4.69 11.82 -20.27
CA GLU A 339 -5.34 10.79 -21.13
C GLU A 339 -6.49 10.10 -20.38
N PHE A 340 -6.49 10.12 -19.05
CA PHE A 340 -7.51 9.38 -18.25
C PHE A 340 -8.52 10.34 -17.64
N LYS A 341 -8.49 11.63 -17.99
CA LYS A 341 -9.48 12.59 -17.48
C LYS A 341 -10.88 12.19 -17.94
N LEU A 342 -11.79 12.00 -16.98
CA LEU A 342 -13.18 11.63 -17.30
C LEU A 342 -14.12 12.83 -17.10
N ARG A 343 -15.24 12.82 -17.84
CA ARG A 343 -16.31 13.85 -17.63
C ARG A 343 -16.97 13.57 -16.28
N THR A 344 -17.75 14.50 -15.74
CA THR A 344 -18.26 14.45 -14.35
C THR A 344 -18.94 13.09 -14.07
N GLU A 345 -19.85 12.64 -14.93
CA GLU A 345 -20.66 11.44 -14.60
C GLU A 345 -19.76 10.19 -14.63
N GLN A 346 -18.89 10.07 -15.62
CA GLN A 346 -17.98 8.89 -15.70
C GLN A 346 -17.02 8.95 -14.51
N ARG A 347 -16.50 10.12 -14.11
CA ARG A 347 -15.66 10.23 -12.89
C ARG A 347 -16.41 9.69 -11.68
N LYS A 348 -17.67 10.08 -11.47
CA LYS A 348 -18.44 9.59 -10.32
C LYS A 348 -18.49 8.05 -10.35
N THR A 349 -18.74 7.48 -11.52
CA THR A 349 -18.79 6.01 -11.71
C THR A 349 -17.43 5.40 -11.32
N PHE A 350 -16.37 5.94 -11.90
CA PHE A 350 -14.99 5.54 -11.59
C PHE A 350 -14.75 5.53 -10.08
N VAL A 351 -15.11 6.61 -9.39
CA VAL A 351 -14.91 6.68 -7.94
C VAL A 351 -15.71 5.59 -7.22
N GLU A 352 -16.95 5.42 -7.60
CA GLU A 352 -17.82 4.46 -6.91
C GLU A 352 -17.30 3.05 -7.16
N LEU A 353 -16.82 2.75 -8.36
CA LEU A 353 -16.26 1.39 -8.60
C LEU A 353 -15.06 1.17 -7.72
N MET A 354 -14.23 2.18 -7.45
CA MET A 354 -13.08 1.95 -6.56
C MET A 354 -13.52 1.88 -5.10
N LYS A 355 -14.45 2.72 -4.67
CA LYS A 355 -14.79 2.86 -3.22
C LYS A 355 -15.74 1.71 -2.84
N ARG A 356 -17.01 1.85 -3.21
CA ARG A 356 -18.00 0.78 -2.88
C ARG A 356 -17.64 -0.48 -3.67
N GLY A 357 -17.32 -0.35 -4.95
CA GLY A 357 -16.98 -1.52 -5.78
C GLY A 357 -15.75 -2.27 -5.30
N ASP A 358 -14.80 -1.58 -4.65
CA ASP A 358 -13.53 -2.20 -4.20
C ASP A 358 -12.82 -2.83 -5.39
N LEU A 359 -12.94 -2.24 -6.58
CA LEU A 359 -12.18 -2.75 -7.74
C LEU A 359 -10.82 -2.07 -7.86
N PRO A 360 -9.83 -2.70 -8.50
CA PRO A 360 -8.54 -2.05 -8.76
C PRO A 360 -8.82 -0.80 -9.58
N VAL A 361 -7.94 0.20 -9.44
CA VAL A 361 -8.11 1.45 -10.21
C VAL A 361 -8.22 1.16 -11.72
N TRP A 362 -7.29 0.41 -12.29
CA TRP A 362 -7.28 0.16 -13.74
C TRP A 362 -8.63 -0.41 -14.14
N LEU A 363 -9.16 -1.40 -13.42
CA LEU A 363 -10.40 -2.07 -13.86
C LEU A 363 -11.59 -1.09 -13.74
N ALA A 364 -11.67 -0.32 -12.66
CA ALA A 364 -12.67 0.75 -12.46
C ALA A 364 -12.61 1.70 -13.64
N TYR A 365 -11.42 2.06 -14.06
CA TYR A 365 -11.29 3.00 -15.18
C TYR A 365 -11.85 2.38 -16.47
N GLN A 366 -11.58 1.11 -16.78
CA GLN A 366 -12.03 0.51 -18.05
C GLN A 366 -13.56 0.57 -18.04
N VAL A 367 -14.21 0.26 -16.93
CA VAL A 367 -15.69 0.18 -16.83
C VAL A 367 -16.31 1.57 -16.94
N ALA A 368 -15.79 2.53 -16.22
CA ALA A 368 -16.34 3.91 -16.15
C ALA A 368 -16.11 4.54 -17.53
N SER A 369 -14.94 4.37 -18.12
CA SER A 369 -14.63 5.00 -19.42
C SER A 369 -15.42 4.36 -20.56
N ALA A 370 -15.94 3.15 -20.38
CA ALA A 370 -16.84 2.50 -21.37
C ALA A 370 -18.29 2.99 -21.27
N GLY A 371 -18.58 3.92 -20.37
CA GLY A 371 -19.94 4.47 -20.25
C GLY A 371 -20.88 3.51 -19.52
N ILE A 372 -20.33 2.56 -18.74
CA ILE A 372 -21.16 1.62 -17.95
C ILE A 372 -21.45 2.28 -16.61
N THR A 373 -22.69 2.15 -16.11
CA THR A 373 -23.05 2.69 -14.79
C THR A 373 -22.69 1.70 -13.67
N TYR A 374 -22.55 2.21 -12.45
CA TYR A 374 -21.93 1.45 -11.34
C TYR A 374 -22.66 0.11 -11.18
N THR A 375 -23.99 0.10 -11.18
CA THR A 375 -24.77 -1.15 -10.88
C THR A 375 -24.94 -2.08 -12.08
N ASP A 376 -24.45 -1.71 -13.26
CA ASP A 376 -24.63 -2.53 -14.49
C ASP A 376 -23.47 -3.53 -14.52
N ARG A 377 -23.73 -4.81 -14.25
CA ARG A 377 -22.67 -5.84 -14.10
C ARG A 377 -22.62 -6.77 -15.29
N ARG A 378 -23.29 -6.44 -16.39
CA ARG A 378 -23.30 -7.27 -17.61
C ARG A 378 -21.87 -7.56 -18.06
N TRP A 379 -20.98 -6.58 -17.94
CA TRP A 379 -19.56 -6.73 -18.34
C TRP A 379 -18.84 -7.82 -17.55
N CYS A 380 -19.36 -8.25 -16.40
CA CYS A 380 -18.69 -9.32 -15.63
C CYS A 380 -18.82 -10.69 -16.29
N PHE A 381 -19.64 -10.80 -17.34
CA PHE A 381 -20.00 -12.11 -17.94
C PHE A 381 -19.78 -12.14 -19.46
N ASP A 382 -19.41 -11.05 -20.12
CA ASP A 382 -19.46 -11.00 -21.61
C ASP A 382 -18.05 -10.87 -22.19
N GLY A 383 -17.02 -11.26 -21.46
CA GLY A 383 -15.65 -11.23 -21.97
C GLY A 383 -15.33 -12.38 -22.91
N THR A 384 -14.10 -12.39 -23.42
CA THR A 384 -13.59 -13.48 -24.27
C THR A 384 -13.41 -14.73 -23.41
N THR A 385 -13.38 -15.89 -24.05
CA THR A 385 -13.24 -17.17 -23.34
C THR A 385 -11.96 -17.18 -22.50
N ASN A 386 -10.85 -16.59 -22.97
CA ASN A 386 -9.58 -16.61 -22.20
C ASN A 386 -9.70 -15.75 -20.93
N ASN A 387 -10.77 -14.95 -20.75
CA ASN A 387 -11.02 -14.12 -19.56
C ASN A 387 -11.81 -14.89 -18.51
N THR A 388 -12.12 -16.16 -18.75
CA THR A 388 -12.87 -16.97 -17.78
C THR A 388 -12.08 -17.09 -16.47
N ILE A 389 -12.70 -16.74 -15.36
CA ILE A 389 -12.03 -16.86 -14.04
C ILE A 389 -12.31 -18.24 -13.47
N MET A 390 -11.28 -18.84 -12.88
CA MET A 390 -11.31 -20.23 -12.41
C MET A 390 -11.48 -20.24 -10.90
N GLU A 391 -12.11 -21.29 -10.40
N GLU A 391 -12.16 -21.26 -10.40
CA GLU A 391 -12.28 -21.57 -8.95
CA GLU A 391 -12.26 -21.57 -8.96
C GLU A 391 -12.15 -23.09 -8.77
C GLU A 391 -12.11 -23.09 -8.83
N ASP A 392 -11.08 -23.55 -8.13
CA ASP A 392 -10.77 -25.01 -7.97
C ASP A 392 -10.74 -25.72 -9.34
N SER A 393 -10.09 -25.11 -10.32
CA SER A 393 -9.75 -25.73 -11.61
C SER A 393 -10.95 -25.85 -12.53
N VAL A 394 -12.08 -25.17 -12.23
CA VAL A 394 -13.32 -25.12 -13.07
C VAL A 394 -13.74 -23.66 -13.16
N PRO A 395 -14.46 -23.20 -14.20
CA PRO A 395 -14.92 -21.82 -14.23
C PRO A 395 -15.70 -21.43 -12.98
N ALA A 396 -15.36 -20.28 -12.40
CA ALA A 396 -16.10 -19.69 -11.25
C ALA A 396 -17.49 -19.32 -11.77
N GLU A 397 -18.51 -19.55 -10.93
CA GLU A 397 -19.91 -19.26 -11.30
C GLU A 397 -20.56 -18.46 -10.18
N VAL A 398 -21.43 -17.55 -10.59
CA VAL A 398 -22.28 -16.82 -9.64
C VAL A 398 -23.73 -16.87 -10.13
N TRP A 399 -24.64 -16.56 -9.21
CA TRP A 399 -26.02 -16.21 -9.64
C TRP A 399 -26.04 -14.71 -9.86
N THR A 400 -26.40 -14.33 -11.06
CA THR A 400 -26.54 -12.90 -11.40
C THR A 400 -27.66 -12.31 -10.53
N LYS A 401 -27.72 -11.00 -10.55
CA LYS A 401 -28.84 -10.27 -9.90
C LYS A 401 -30.17 -10.63 -10.57
N TYR A 402 -30.20 -11.24 -11.76
CA TYR A 402 -31.41 -11.72 -12.47
C TYR A 402 -31.80 -13.15 -12.02
N GLY A 403 -30.94 -13.79 -11.25
CA GLY A 403 -31.15 -15.15 -10.72
C GLY A 403 -30.69 -16.22 -11.69
N GLU A 404 -29.83 -15.87 -12.64
CA GLU A 404 -29.29 -16.79 -13.68
C GLU A 404 -27.90 -17.23 -13.22
N LYS A 405 -27.57 -18.52 -13.28
CA LYS A 405 -26.19 -18.97 -12.96
C LYS A 405 -25.34 -18.73 -14.21
N ARG A 406 -24.24 -18.00 -14.04
CA ARG A 406 -23.38 -17.63 -15.18
C ARG A 406 -21.93 -17.79 -14.75
N VAL A 407 -21.13 -18.15 -15.75
CA VAL A 407 -19.67 -18.18 -15.62
C VAL A 407 -19.12 -16.77 -15.52
N LEU A 408 -18.25 -16.61 -14.56
CA LEU A 408 -17.54 -15.32 -14.37
C LEU A 408 -16.51 -15.14 -15.49
N LYS A 409 -16.70 -14.13 -16.32
CA LYS A 409 -15.94 -13.98 -17.57
C LYS A 409 -15.93 -12.50 -17.91
N PRO A 410 -15.14 -11.72 -17.16
CA PRO A 410 -15.20 -10.26 -17.25
C PRO A 410 -14.67 -9.77 -18.59
N ARG A 411 -15.28 -8.70 -19.07
CA ARG A 411 -14.88 -8.09 -20.35
C ARG A 411 -13.46 -7.55 -20.25
N TRP A 412 -13.05 -7.05 -19.08
CA TRP A 412 -11.67 -6.61 -18.78
C TRP A 412 -11.17 -7.49 -17.64
N MET A 413 -10.06 -8.16 -17.86
CA MET A 413 -9.53 -9.12 -16.89
C MET A 413 -8.37 -8.45 -16.12
N ASP A 414 -8.55 -8.30 -14.84
CA ASP A 414 -7.53 -7.83 -13.90
C ASP A 414 -7.24 -8.96 -12.89
N ALA A 415 -6.04 -9.50 -12.95
CA ALA A 415 -5.61 -10.64 -12.10
C ALA A 415 -5.81 -10.34 -10.61
N ARG A 416 -5.86 -9.09 -10.21
CA ARG A 416 -6.00 -8.76 -8.77
C ARG A 416 -7.40 -9.10 -8.27
N VAL A 417 -8.41 -9.25 -9.13
CA VAL A 417 -9.76 -9.61 -8.59
C VAL A 417 -9.83 -11.09 -8.21
N CYS A 418 -8.84 -11.91 -8.50
CA CYS A 418 -8.93 -13.36 -8.18
C CYS A 418 -7.56 -13.92 -7.78
N SER A 419 -6.70 -13.09 -7.20
CA SER A 419 -5.30 -13.48 -6.85
C SER A 419 -5.27 -14.38 -5.61
N ASP A 420 -6.35 -14.40 -4.85
CA ASP A 420 -6.48 -15.29 -3.67
C ASP A 420 -7.97 -15.54 -3.44
N HIS A 421 -8.33 -16.45 -2.52
CA HIS A 421 -9.75 -16.84 -2.27
C HIS A 421 -10.57 -15.60 -1.89
N ALA A 422 -10.06 -14.74 -1.01
CA ALA A 422 -10.77 -13.56 -0.50
C ALA A 422 -11.09 -12.62 -1.68
N ALA A 423 -10.11 -12.37 -2.54
CA ALA A 423 -10.33 -11.47 -3.70
C ALA A 423 -11.44 -12.05 -4.58
N LEU A 424 -11.35 -13.33 -4.91
CA LEU A 424 -12.32 -13.97 -5.80
C LEU A 424 -13.70 -13.88 -5.14
N LYS A 425 -13.80 -14.10 -3.83
CA LYS A 425 -15.10 -14.06 -3.14
C LYS A 425 -15.66 -12.66 -3.32
N SER A 426 -14.81 -11.66 -3.16
CA SER A 426 -15.28 -10.25 -3.25
C SER A 426 -15.75 -9.98 -4.68
N PHE A 427 -15.01 -10.43 -5.67
CA PHE A 427 -15.38 -10.14 -7.07
C PHE A 427 -16.66 -10.89 -7.48
N LYS A 428 -16.86 -12.09 -6.98
CA LYS A 428 -18.08 -12.87 -7.19
C LYS A 428 -19.27 -12.11 -6.59
N GLU A 429 -19.13 -11.52 -5.42
CA GLU A 429 -20.21 -10.71 -4.77
C GLU A 429 -20.51 -9.52 -5.68
N PHE A 430 -19.45 -8.90 -6.20
CA PHE A 430 -19.64 -7.74 -7.10
C PHE A 430 -20.40 -8.15 -8.35
N ALA A 431 -19.97 -9.23 -8.99
CA ALA A 431 -20.55 -9.67 -10.27
C ALA A 431 -22.02 -10.03 -10.07
N ALA A 432 -22.37 -10.47 -8.87
CA ALA A 432 -23.75 -10.85 -8.52
C ALA A 432 -24.62 -9.66 -8.11
N GLY A 433 -24.06 -8.46 -8.06
CA GLY A 433 -24.80 -7.24 -7.73
C GLY A 433 -25.00 -7.08 -6.24
N LYS A 434 -24.19 -7.71 -5.41
CA LYS A 434 -24.39 -7.70 -3.95
C LYS A 434 -23.78 -6.46 -3.28
N ARG A 435 -23.06 -5.61 -4.00
CA ARG A 435 -22.65 -4.28 -3.51
C ARG A 435 -22.53 -3.34 -4.69
C1 EDO B . -4.22 -0.46 3.55
O1 EDO B . -4.15 -0.97 2.24
C2 EDO B . -4.42 -1.53 4.55
O2 EDO B . -4.65 -1.07 5.88
P PO4 C . 11.25 6.14 12.25
O1 PO4 C . 9.89 6.79 12.19
O2 PO4 C . 12.34 7.09 11.73
O3 PO4 C . 11.24 4.85 11.40
O4 PO4 C . 11.60 5.79 13.73
P PO4 D . -1.99 -6.32 -4.84
O1 PO4 D . -2.98 -5.18 -4.99
O2 PO4 D . -2.71 -7.65 -5.07
O3 PO4 D . -0.86 -6.17 -5.87
O4 PO4 D . -1.39 -6.30 -3.43
C1 MPD E . -7.78 4.84 -4.92
C2 MPD E . -8.86 5.00 -3.87
O2 MPD E . -9.44 3.68 -3.77
CM MPD E . -8.29 5.41 -2.52
C3 MPD E . -9.92 6.00 -4.33
C4 MPD E . -11.33 5.57 -4.11
O4 MPD E . -11.44 4.61 -3.05
C5 MPD E . -12.24 6.74 -3.90
N1 H04 F . -14.11 10.80 11.79
C4 H04 F . -13.86 12.84 8.76
C5 H04 F . -13.66 14.07 9.39
C6 H04 F . -13.53 14.17 10.75
C7 H04 F . -13.64 13.05 11.50
C8 H04 F . -13.87 11.78 10.88
C10 H04 F . -14.43 9.72 14.03
C1 H04 F . -14.96 8.84 7.31
C2 H04 F . -14.43 9.18 8.73
O1 H04 F . -13.77 10.48 8.66
C3 H04 F . -13.92 11.67 9.48
C9 H04 F . -14.13 11.01 13.27
N2 H04 F . -15.21 8.80 13.21
C11 H04 F . -14.44 8.47 11.99
C12 H04 F . -13.47 9.57 11.57
#